data_1N4H
#
_entry.id   1N4H
#
_cell.length_a   52.199
_cell.length_b   58.125
_cell.length_c   106.039
_cell.angle_alpha   90.00
_cell.angle_beta   90.00
_cell.angle_gamma   90.00
#
_symmetry.space_group_name_H-M   'P 21 21 21'
#
loop_
_entity.id
_entity.type
_entity.pdbx_description
1 polymer 'Nuclear Receptor ROR-beta'
2 polymer 'Steroid Receptor Coactivator-1'
3 non-polymer 'RETINOIC ACID'
4 water water
#
loop_
_entity_poly.entity_id
_entity_poly.type
_entity_poly.pdbx_seq_one_letter_code
_entity_poly.pdbx_strand_id
1 'polypeptide(L)'
;GQLAPGITMSEIDRIAQNIIKSHLETCQYTMEELHQLAWQTHTYEEIKAYQSKSREALWQQCAIQITHAIQYVVEFAKRI
TGFMELCQNDQILLLKSGCLEVVLVRMCRAFNPLNNTVLFEGKYGGMQMFKALGSDDLVNEAFDFAKNLCSLQLTEEEIA
LFSSAVLISPDRAWLLEPRKVQKLQEKIYFALQHVIQKNHLDDETLAKLIAKIPTITAVCNLHGEKLQVFKQSHPDIVNT
LFPPLYKELFNPDCAAVCK
;
A
2 'polypeptide(L)' RHKILHRLLQEGSPS B
#
# COMPACT_ATOMS: atom_id res chain seq x y z
N THR A 8 12.30 25.38 9.53
CA THR A 8 11.10 26.03 10.16
C THR A 8 10.08 25.00 10.64
N MET A 9 9.98 24.84 11.96
CA MET A 9 9.06 23.88 12.58
C MET A 9 7.61 24.14 12.14
N SER A 10 7.30 25.41 11.84
CA SER A 10 5.95 25.75 11.40
C SER A 10 5.57 24.97 10.15
N GLU A 11 6.47 24.92 9.19
CA GLU A 11 6.22 24.18 7.96
C GLU A 11 6.16 22.68 8.22
N ILE A 12 7.11 22.17 8.99
CA ILE A 12 7.14 20.75 9.31
C ILE A 12 5.83 20.32 9.93
N ASP A 13 5.33 21.10 10.88
CA ASP A 13 4.07 20.77 11.54
C ASP A 13 2.89 20.80 10.57
N ARG A 14 2.80 21.83 9.73
CA ARG A 14 1.69 21.90 8.77
C ARG A 14 1.72 20.71 7.80
N ILE A 15 2.91 20.39 7.29
CA ILE A 15 3.06 19.26 6.37
C ILE A 15 2.57 17.99 7.06
N ALA A 16 3.02 17.77 8.30
CA ALA A 16 2.63 16.59 9.07
C ALA A 16 1.11 16.50 9.24
N GLN A 17 0.50 17.58 9.75
CA GLN A 17 -0.95 17.57 9.95
C GLN A 17 -1.71 17.26 8.66
N ASN A 18 -1.28 17.87 7.56
CA ASN A 18 -1.93 17.66 6.27
C ASN A 18 -1.91 16.18 5.87
N ILE A 19 -0.76 15.54 6.05
CA ILE A 19 -0.63 14.12 5.71
C ILE A 19 -1.47 13.25 6.63
N ILE A 20 -1.45 13.54 7.93
CA ILE A 20 -2.23 12.78 8.89
C ILE A 20 -3.72 12.92 8.54
N LYS A 21 -4.14 14.14 8.24
CA LYS A 21 -5.53 14.41 7.86
C LYS A 21 -5.88 13.62 6.60
N SER A 22 -5.01 13.67 5.61
CA SER A 22 -5.26 12.94 4.36
C SER A 22 -5.43 11.45 4.61
N HIS A 23 -4.53 10.88 5.40
CA HIS A 23 -4.59 9.47 5.74
C HIS A 23 -5.93 9.14 6.39
N LEU A 24 -6.31 9.98 7.36
CA LEU A 24 -7.56 9.78 8.06
C LEU A 24 -8.73 9.71 7.09
N GLU A 25 -8.69 10.56 6.07
CA GLU A 25 -9.78 10.61 5.11
C GLU A 25 -9.66 9.71 3.89
N THR A 26 -8.54 9.03 3.71
CA THR A 26 -8.38 8.22 2.50
C THR A 26 -8.02 6.75 2.57
N CYS A 27 -8.15 6.13 3.74
CA CYS A 27 -7.86 4.71 3.81
C CYS A 27 -9.15 3.99 3.43
N GLN A 28 -9.04 2.83 2.78
CA GLN A 28 -10.23 2.10 2.40
C GLN A 28 -11.01 1.74 3.67
N TYR A 29 -10.28 1.52 4.75
CA TYR A 29 -10.88 1.18 6.05
C TYR A 29 -10.42 2.13 7.15
N THR A 30 -11.37 2.80 7.79
CA THR A 30 -11.03 3.71 8.87
C THR A 30 -10.73 2.85 10.09
N MET A 31 -10.10 3.46 11.10
CA MET A 31 -9.77 2.74 12.31
C MET A 31 -11.03 2.23 12.99
N GLU A 32 -12.08 3.04 12.93
CA GLU A 32 -13.35 2.67 13.54
C GLU A 32 -13.90 1.40 12.90
N GLU A 33 -13.93 1.36 11.58
CA GLU A 33 -14.44 0.20 10.87
C GLU A 33 -13.59 -1.03 11.17
N LEU A 34 -12.28 -0.82 11.29
CA LEU A 34 -11.37 -1.92 11.59
C LEU A 34 -11.66 -2.48 12.98
N HIS A 35 -11.89 -1.60 13.95
CA HIS A 35 -12.18 -2.05 15.30
C HIS A 35 -13.41 -2.95 15.33
N GLN A 36 -14.44 -2.61 14.55
CA GLN A 36 -15.64 -3.42 14.51
C GLN A 36 -15.43 -4.72 13.72
N LEU A 37 -14.54 -4.66 12.73
CA LEU A 37 -14.24 -5.83 11.88
C LEU A 37 -13.13 -6.66 12.49
N ALA A 38 -12.68 -6.25 13.67
CA ALA A 38 -11.60 -6.93 14.37
C ALA A 38 -11.73 -8.44 14.46
N TRP A 39 -12.85 -8.88 15.01
CA TRP A 39 -13.12 -10.30 15.21
C TRP A 39 -13.99 -10.89 14.12
N GLN A 40 -13.41 -10.97 12.92
CA GLN A 40 -14.12 -11.53 11.78
C GLN A 40 -13.18 -12.26 10.85
N THR A 41 -13.15 -13.58 10.96
CA THR A 41 -12.32 -14.40 10.09
C THR A 41 -13.29 -15.18 9.21
N HIS A 42 -12.89 -15.48 7.97
CA HIS A 42 -13.77 -16.24 7.09
C HIS A 42 -14.02 -17.61 7.69
N THR A 43 -15.21 -18.16 7.46
CA THR A 43 -15.55 -19.48 7.98
C THR A 43 -14.81 -20.52 7.13
N TYR A 44 -14.79 -21.77 7.56
CA TYR A 44 -14.11 -22.79 6.79
C TYR A 44 -14.72 -22.95 5.41
N GLU A 45 -16.04 -22.79 5.32
CA GLU A 45 -16.73 -22.90 4.04
C GLU A 45 -16.29 -21.78 3.11
N GLU A 46 -16.13 -20.58 3.67
CA GLU A 46 -15.71 -19.43 2.88
C GLU A 46 -14.27 -19.62 2.42
N ILE A 47 -13.44 -20.22 3.28
CA ILE A 47 -12.04 -20.47 2.93
C ILE A 47 -12.01 -21.53 1.84
N LYS A 48 -12.84 -22.57 1.97
CA LYS A 48 -12.87 -23.64 0.97
C LYS A 48 -13.30 -23.05 -0.35
N ALA A 49 -14.29 -22.16 -0.30
CA ALA A 49 -14.79 -21.51 -1.51
C ALA A 49 -13.65 -20.82 -2.22
N TYR A 50 -12.82 -20.11 -1.45
CA TYR A 50 -11.67 -19.41 -2.04
C TYR A 50 -10.69 -20.36 -2.69
N GLN A 51 -10.46 -21.51 -2.06
CA GLN A 51 -9.52 -22.48 -2.59
C GLN A 51 -10.09 -23.22 -3.80
N SER A 52 -11.40 -23.19 -3.95
CA SER A 52 -12.06 -23.87 -5.07
C SER A 52 -12.13 -22.97 -6.31
N LYS A 53 -11.99 -21.66 -6.12
CA LYS A 53 -12.03 -20.74 -7.25
C LYS A 53 -10.90 -21.11 -8.21
N SER A 54 -11.06 -20.80 -9.49
CA SER A 54 -10.02 -21.08 -10.45
C SER A 54 -8.90 -20.07 -10.19
N ARG A 55 -7.75 -20.29 -10.81
CA ARG A 55 -6.65 -19.36 -10.64
C ARG A 55 -7.01 -18.00 -11.25
N GLU A 56 -7.73 -18.04 -12.37
CA GLU A 56 -8.16 -16.82 -13.05
C GLU A 56 -9.18 -16.07 -12.20
N ALA A 57 -10.13 -16.81 -11.65
CA ALA A 57 -11.16 -16.21 -10.82
C ALA A 57 -10.57 -15.51 -9.60
N LEU A 58 -9.68 -16.21 -8.87
CA LEU A 58 -9.09 -15.61 -7.69
C LEU A 58 -8.21 -14.41 -8.06
N TRP A 59 -7.43 -14.55 -9.13
CA TRP A 59 -6.58 -13.46 -9.57
C TRP A 59 -7.42 -12.23 -9.88
N GLN A 60 -8.55 -12.44 -10.55
CA GLN A 60 -9.44 -11.33 -10.89
C GLN A 60 -9.97 -10.67 -9.61
N GLN A 61 -10.30 -11.46 -8.61
CA GLN A 61 -10.80 -10.93 -7.34
C GLN A 61 -9.70 -10.12 -6.66
N CYS A 62 -8.49 -10.67 -6.65
CA CYS A 62 -7.36 -10.00 -6.05
C CYS A 62 -7.03 -8.70 -6.78
N ALA A 63 -7.14 -8.72 -8.10
CA ALA A 63 -6.86 -7.55 -8.92
C ALA A 63 -7.84 -6.41 -8.57
N ILE A 64 -9.09 -6.77 -8.33
CA ILE A 64 -10.11 -5.78 -7.99
C ILE A 64 -9.85 -5.17 -6.61
N GLN A 65 -9.55 -6.03 -5.63
CA GLN A 65 -9.27 -5.56 -4.28
C GLN A 65 -8.05 -4.63 -4.27
N ILE A 66 -7.00 -5.02 -5.00
CA ILE A 66 -5.79 -4.21 -5.08
C ILE A 66 -6.09 -2.88 -5.76
N THR A 67 -6.85 -2.93 -6.86
CA THR A 67 -7.20 -1.71 -7.58
C THR A 67 -8.02 -0.80 -6.67
N HIS A 68 -8.91 -1.40 -5.90
CA HIS A 68 -9.77 -0.66 -4.99
C HIS A 68 -8.88 0.11 -4.00
N ALA A 69 -7.91 -0.59 -3.43
CA ALA A 69 -6.99 0.01 -2.47
C ALA A 69 -6.08 1.06 -3.12
N ILE A 70 -5.70 0.84 -4.37
CA ILE A 70 -4.83 1.79 -5.08
C ILE A 70 -5.57 3.09 -5.36
N GLN A 71 -6.87 2.99 -5.65
CA GLN A 71 -7.67 4.18 -5.92
C GLN A 71 -7.66 5.09 -4.71
N TYR A 72 -7.68 4.49 -3.52
CA TYR A 72 -7.64 5.27 -2.29
C TYR A 72 -6.26 5.89 -2.06
N VAL A 73 -5.20 5.26 -2.56
CA VAL A 73 -3.86 5.83 -2.41
C VAL A 73 -3.79 7.08 -3.29
N VAL A 74 -4.46 7.04 -4.44
CA VAL A 74 -4.48 8.19 -5.35
C VAL A 74 -5.16 9.36 -4.64
N GLU A 75 -6.26 9.08 -3.93
CA GLU A 75 -6.96 10.12 -3.20
C GLU A 75 -6.06 10.66 -2.09
N PHE A 76 -5.31 9.75 -1.46
CA PHE A 76 -4.36 10.10 -0.40
C PHE A 76 -3.35 11.13 -0.94
N ALA A 77 -2.77 10.83 -2.11
CA ALA A 77 -1.79 11.72 -2.73
C ALA A 77 -2.36 13.09 -3.11
N LYS A 78 -3.56 13.11 -3.69
CA LYS A 78 -4.19 14.37 -4.10
C LYS A 78 -4.46 15.32 -2.93
N ARG A 79 -4.62 14.78 -1.72
CA ARG A 79 -4.88 15.62 -0.57
C ARG A 79 -3.63 16.05 0.17
N ILE A 80 -2.47 15.67 -0.36
CA ILE A 80 -1.19 16.06 0.24
C ILE A 80 -0.68 17.26 -0.54
N THR A 81 -0.74 18.42 0.09
CA THR A 81 -0.30 19.66 -0.54
C THR A 81 1.04 19.56 -1.25
N GLY A 82 2.06 19.12 -0.53
CA GLY A 82 3.39 19.00 -1.11
C GLY A 82 3.45 18.10 -2.34
N PHE A 83 2.62 17.06 -2.36
CA PHE A 83 2.61 16.16 -3.51
C PHE A 83 2.05 16.85 -4.74
N MET A 84 0.92 17.53 -4.58
CA MET A 84 0.29 18.21 -5.70
C MET A 84 1.11 19.39 -6.22
N GLU A 85 2.15 19.77 -5.49
CA GLU A 85 3.02 20.86 -5.93
C GLU A 85 4.12 20.32 -6.84
N LEU A 86 4.27 19.00 -6.88
CA LEU A 86 5.27 18.40 -7.76
C LEU A 86 4.72 18.50 -9.17
N CYS A 87 5.59 18.62 -10.18
CA CYS A 87 5.11 18.71 -11.56
C CYS A 87 4.30 17.44 -11.83
N GLN A 88 3.29 17.56 -12.68
CA GLN A 88 2.41 16.43 -12.99
C GLN A 88 3.13 15.18 -13.46
N ASN A 89 4.20 15.34 -14.23
CA ASN A 89 4.93 14.18 -14.71
C ASN A 89 5.44 13.32 -13.56
N ASP A 90 6.04 13.96 -12.55
CA ASP A 90 6.56 13.23 -11.41
C ASP A 90 5.45 12.66 -10.53
N GLN A 91 4.33 13.37 -10.42
CA GLN A 91 3.20 12.88 -9.65
C GLN A 91 2.81 11.51 -10.21
N ILE A 92 2.68 11.42 -11.53
CA ILE A 92 2.33 10.19 -12.22
C ILE A 92 3.35 9.09 -11.92
N LEU A 93 4.63 9.42 -12.03
CA LEU A 93 5.69 8.45 -11.77
C LEU A 93 5.66 7.93 -10.34
N LEU A 94 5.52 8.83 -9.37
CA LEU A 94 5.47 8.40 -7.97
C LEU A 94 4.29 7.45 -7.73
N LEU A 95 3.13 7.79 -8.27
CA LEU A 95 1.96 6.95 -8.10
C LEU A 95 2.09 5.59 -8.78
N LYS A 96 2.54 5.59 -10.03
CA LYS A 96 2.70 4.33 -10.76
C LYS A 96 3.70 3.39 -10.09
N SER A 97 4.83 3.93 -9.65
CA SER A 97 5.83 3.10 -9.02
C SER A 97 5.57 2.81 -7.54
N GLY A 98 4.86 3.70 -6.87
CA GLY A 98 4.64 3.50 -5.44
C GLY A 98 3.24 3.20 -4.91
N CYS A 99 2.23 3.16 -5.79
CA CYS A 99 0.88 2.90 -5.30
C CYS A 99 0.77 1.58 -4.54
N LEU A 100 1.32 0.51 -5.11
CA LEU A 100 1.23 -0.79 -4.46
C LEU A 100 2.02 -0.84 -3.17
N GLU A 101 3.14 -0.12 -3.12
CA GLU A 101 3.96 -0.10 -1.92
C GLU A 101 3.16 0.56 -0.79
N VAL A 102 2.41 1.60 -1.11
CA VAL A 102 1.60 2.27 -0.10
C VAL A 102 0.47 1.32 0.34
N VAL A 103 -0.14 0.62 -0.60
CA VAL A 103 -1.21 -0.33 -0.26
C VAL A 103 -0.67 -1.41 0.69
N LEU A 104 0.55 -1.86 0.43
CA LEU A 104 1.17 -2.88 1.27
C LEU A 104 1.36 -2.34 2.68
N VAL A 105 1.83 -1.10 2.80
CA VAL A 105 2.04 -0.51 4.12
C VAL A 105 0.68 -0.41 4.82
N ARG A 106 -0.32 0.10 4.10
CA ARG A 106 -1.66 0.24 4.69
C ARG A 106 -2.26 -1.10 5.07
N MET A 107 -1.94 -2.13 4.31
CA MET A 107 -2.47 -3.47 4.60
C MET A 107 -2.11 -3.90 6.02
N CYS A 108 -0.99 -3.40 6.53
CA CYS A 108 -0.55 -3.78 7.88
C CYS A 108 -1.53 -3.33 8.96
N ARG A 109 -2.36 -2.34 8.63
CA ARG A 109 -3.36 -1.82 9.56
C ARG A 109 -4.47 -2.86 9.70
N ALA A 110 -4.63 -3.68 8.67
CA ALA A 110 -5.69 -4.69 8.64
C ALA A 110 -5.11 -6.10 8.67
N PHE A 111 -4.05 -6.29 9.44
CA PHE A 111 -3.40 -7.58 9.57
C PHE A 111 -3.37 -7.99 11.03
N ASN A 112 -3.74 -9.22 11.31
CA ASN A 112 -3.75 -9.72 12.67
C ASN A 112 -2.49 -10.55 12.84
N PRO A 113 -1.47 -10.01 13.56
CA PRO A 113 -0.21 -10.71 13.77
C PRO A 113 -0.24 -11.91 14.71
N LEU A 114 -1.39 -12.18 15.32
CA LEU A 114 -1.48 -13.34 16.23
C LEU A 114 -1.77 -14.62 15.47
N ASN A 115 -2.65 -14.57 14.48
CA ASN A 115 -2.97 -15.77 13.70
C ASN A 115 -2.58 -15.59 12.24
N ASN A 116 -1.81 -14.55 11.96
CA ASN A 116 -1.36 -14.26 10.60
C ASN A 116 -2.47 -14.27 9.56
N THR A 117 -3.47 -13.41 9.76
CA THR A 117 -4.57 -13.30 8.84
C THR A 117 -4.66 -11.84 8.39
N VAL A 118 -5.15 -11.63 7.18
CA VAL A 118 -5.29 -10.28 6.64
C VAL A 118 -6.74 -10.07 6.21
N LEU A 119 -7.22 -8.84 6.32
CA LEU A 119 -8.59 -8.50 5.94
C LEU A 119 -8.71 -8.57 4.42
N PHE A 120 -9.59 -9.46 3.95
CA PHE A 120 -9.80 -9.64 2.52
C PHE A 120 -11.29 -9.84 2.25
N GLU A 121 -11.86 -8.97 1.43
CA GLU A 121 -13.28 -9.03 1.10
C GLU A 121 -14.13 -9.08 2.37
N GLY A 122 -13.90 -8.13 3.27
CA GLY A 122 -14.70 -8.04 4.49
C GLY A 122 -14.35 -8.84 5.73
N LYS A 123 -13.51 -9.86 5.61
CA LYS A 123 -13.15 -10.65 6.79
C LYS A 123 -11.67 -11.05 6.73
N TYR A 124 -11.14 -11.48 7.87
CA TYR A 124 -9.75 -11.90 7.97
C TYR A 124 -9.57 -13.35 7.54
N GLY A 125 -8.51 -13.60 6.78
CA GLY A 125 -8.22 -14.94 6.32
C GLY A 125 -6.73 -15.17 6.27
N GLY A 126 -6.31 -16.42 6.52
CA GLY A 126 -4.88 -16.73 6.49
C GLY A 126 -4.37 -16.80 5.07
N MET A 127 -3.08 -17.10 4.90
CA MET A 127 -2.53 -17.16 3.56
C MET A 127 -3.08 -18.32 2.71
N GLN A 128 -3.69 -19.32 3.36
CA GLN A 128 -4.25 -20.47 2.64
C GLN A 128 -5.48 -20.03 1.86
N MET A 129 -5.91 -18.80 2.13
CA MET A 129 -7.06 -18.21 1.47
C MET A 129 -6.69 -17.89 0.03
N PHE A 130 -5.39 -17.71 -0.23
CA PHE A 130 -4.89 -17.37 -1.55
C PHE A 130 -4.24 -18.55 -2.29
N LYS A 131 -4.54 -19.76 -1.84
CA LYS A 131 -3.97 -20.96 -2.44
C LYS A 131 -4.12 -21.02 -3.97
N ALA A 132 -5.32 -20.74 -4.48
CA ALA A 132 -5.58 -20.81 -5.91
C ALA A 132 -4.73 -19.89 -6.79
N LEU A 133 -3.98 -18.96 -6.19
CA LEU A 133 -3.13 -18.07 -6.97
C LEU A 133 -1.90 -18.80 -7.47
N GLY A 134 -1.50 -19.84 -6.74
CA GLY A 134 -0.32 -20.58 -7.12
C GLY A 134 0.91 -19.71 -6.96
N SER A 135 0.82 -18.75 -6.03
CA SER A 135 1.92 -17.83 -5.78
C SER A 135 2.18 -17.70 -4.27
N ASP A 136 2.34 -18.81 -3.58
CA ASP A 136 2.57 -18.77 -2.14
C ASP A 136 3.79 -17.96 -1.75
N ASP A 137 4.78 -17.91 -2.63
CA ASP A 137 5.99 -17.15 -2.33
C ASP A 137 5.64 -15.67 -2.20
N LEU A 138 4.79 -15.19 -3.11
CA LEU A 138 4.37 -13.79 -3.08
C LEU A 138 3.57 -13.55 -1.80
N VAL A 139 2.56 -14.37 -1.57
CA VAL A 139 1.73 -14.22 -0.39
C VAL A 139 2.56 -14.29 0.90
N ASN A 140 3.40 -15.31 1.02
CA ASN A 140 4.26 -15.46 2.19
C ASN A 140 5.14 -14.23 2.42
N GLU A 141 5.65 -13.65 1.35
CA GLU A 141 6.48 -12.45 1.49
C GLU A 141 5.65 -11.27 1.97
N ALA A 142 4.44 -11.13 1.44
CA ALA A 142 3.54 -10.05 1.83
C ALA A 142 3.21 -10.19 3.31
N PHE A 143 2.87 -11.40 3.73
CA PHE A 143 2.53 -11.67 5.13
C PHE A 143 3.70 -11.46 6.10
N ASP A 144 4.89 -11.91 5.71
CA ASP A 144 6.06 -11.75 6.58
C ASP A 144 6.36 -10.27 6.82
N PHE A 145 6.22 -9.45 5.78
CA PHE A 145 6.44 -8.02 5.91
C PHE A 145 5.43 -7.41 6.89
N ALA A 146 4.15 -7.68 6.62
CA ALA A 146 3.07 -7.17 7.46
C ALA A 146 3.31 -7.59 8.90
N LYS A 147 3.65 -8.86 9.08
CA LYS A 147 3.91 -9.37 10.42
C LYS A 147 5.06 -8.60 11.07
N ASN A 148 6.12 -8.36 10.31
CA ASN A 148 7.27 -7.64 10.85
C ASN A 148 6.99 -6.16 11.11
N LEU A 149 6.18 -5.54 10.26
CA LEU A 149 5.87 -4.13 10.47
C LEU A 149 4.99 -4.02 11.71
N CYS A 150 4.06 -4.96 11.87
CA CYS A 150 3.16 -4.94 13.02
C CYS A 150 3.92 -5.05 14.35
N SER A 151 5.08 -5.70 14.32
CA SER A 151 5.87 -5.84 15.55
C SER A 151 6.33 -4.49 16.10
N LEU A 152 6.37 -3.47 15.24
CA LEU A 152 6.79 -2.14 15.65
C LEU A 152 5.67 -1.36 16.34
N GLN A 153 4.45 -1.87 16.25
CA GLN A 153 3.31 -1.22 16.90
C GLN A 153 3.20 0.26 16.55
N LEU A 154 3.14 0.57 15.25
CA LEU A 154 3.05 1.96 14.82
C LEU A 154 1.65 2.52 15.05
N THR A 155 1.57 3.81 15.35
CA THR A 155 0.27 4.45 15.55
C THR A 155 -0.23 4.86 14.17
N GLU A 156 -1.46 5.33 14.10
CA GLU A 156 -2.02 5.76 12.82
C GLU A 156 -1.26 6.96 12.26
N GLU A 157 -0.76 7.82 13.13
CA GLU A 157 -0.02 9.00 12.66
C GLU A 157 1.31 8.58 12.03
N GLU A 158 1.94 7.58 12.62
CA GLU A 158 3.23 7.09 12.13
C GLU A 158 3.04 6.36 10.80
N ILE A 159 1.94 5.61 10.69
CA ILE A 159 1.65 4.90 9.46
C ILE A 159 1.36 5.91 8.36
N ALA A 160 0.64 6.97 8.71
CA ALA A 160 0.31 8.01 7.75
C ALA A 160 1.57 8.64 7.18
N LEU A 161 2.44 9.09 8.08
CA LEU A 161 3.68 9.74 7.69
C LEU A 161 4.62 8.79 6.95
N PHE A 162 4.76 7.58 7.45
CA PHE A 162 5.63 6.62 6.80
C PHE A 162 5.11 6.25 5.41
N SER A 163 3.82 5.98 5.30
CA SER A 163 3.27 5.62 4.00
C SER A 163 3.51 6.77 3.03
N SER A 164 3.45 8.01 3.51
CA SER A 164 3.69 9.14 2.63
C SER A 164 5.16 9.23 2.20
N ALA A 165 6.07 8.81 3.07
CA ALA A 165 7.51 8.81 2.74
C ALA A 165 7.79 7.75 1.69
N VAL A 166 7.07 6.64 1.77
CA VAL A 166 7.22 5.55 0.82
C VAL A 166 6.78 6.04 -0.57
N LEU A 167 5.70 6.82 -0.58
CA LEU A 167 5.16 7.39 -1.81
C LEU A 167 6.03 8.51 -2.38
N ILE A 168 6.44 9.44 -1.52
CA ILE A 168 7.27 10.57 -1.95
C ILE A 168 8.73 10.13 -1.92
N SER A 169 9.09 9.25 -2.83
CA SER A 169 10.45 8.74 -2.92
C SER A 169 11.26 9.37 -4.03
N PRO A 170 12.34 10.08 -3.68
CA PRO A 170 13.19 10.74 -4.67
C PRO A 170 14.07 9.77 -5.44
N ASP A 171 13.97 8.49 -5.13
CA ASP A 171 14.80 7.49 -5.80
C ASP A 171 14.13 6.80 -6.98
N ARG A 172 12.84 7.08 -7.19
CA ARG A 172 12.13 6.47 -8.30
C ARG A 172 12.82 6.85 -9.59
N ALA A 173 13.01 5.90 -10.49
CA ALA A 173 13.67 6.19 -11.74
C ALA A 173 12.75 7.03 -12.62
N TRP A 174 13.35 7.83 -13.49
CA TRP A 174 12.66 8.69 -14.45
C TRP A 174 12.12 10.01 -13.89
N LEU A 175 12.26 10.25 -12.59
CA LEU A 175 11.76 11.51 -12.04
C LEU A 175 12.51 12.67 -12.70
N LEU A 176 11.79 13.71 -13.09
CA LEU A 176 12.40 14.87 -13.73
C LEU A 176 12.95 15.86 -12.72
N GLU A 177 12.32 15.96 -11.56
CA GLU A 177 12.78 16.87 -10.51
C GLU A 177 12.89 16.12 -9.19
N PRO A 178 13.87 15.18 -9.10
CA PRO A 178 14.09 14.38 -7.89
C PRO A 178 14.38 15.18 -6.63
N ARG A 179 15.19 16.22 -6.76
CA ARG A 179 15.54 17.08 -5.62
C ARG A 179 14.31 17.62 -4.90
N LYS A 180 13.28 17.98 -5.66
CA LYS A 180 12.06 18.50 -5.06
C LYS A 180 11.37 17.41 -4.25
N VAL A 181 11.42 16.19 -4.76
CA VAL A 181 10.81 15.06 -4.05
C VAL A 181 11.63 14.80 -2.80
N GLN A 182 12.96 14.83 -2.94
CA GLN A 182 13.85 14.59 -1.82
C GLN A 182 13.60 15.59 -0.69
N LYS A 183 13.41 16.85 -1.07
CA LYS A 183 13.18 17.91 -0.08
C LYS A 183 11.91 17.69 0.72
N LEU A 184 10.84 17.27 0.05
CA LEU A 184 9.58 17.01 0.74
C LEU A 184 9.70 15.77 1.62
N GLN A 185 10.37 14.73 1.11
CA GLN A 185 10.51 13.51 1.89
C GLN A 185 11.33 13.74 3.17
N GLU A 186 12.32 14.63 3.11
CA GLU A 186 13.14 14.90 4.28
C GLU A 186 12.31 15.58 5.37
N LYS A 187 11.40 16.46 4.96
CA LYS A 187 10.56 17.16 5.92
C LYS A 187 9.63 16.14 6.55
N ILE A 188 9.16 15.18 5.75
CA ILE A 188 8.28 14.14 6.25
C ILE A 188 9.00 13.24 7.26
N TYR A 189 10.21 12.82 6.92
CA TYR A 189 10.99 11.96 7.82
C TYR A 189 11.32 12.66 9.14
N PHE A 190 11.59 13.95 9.05
CA PHE A 190 11.90 14.74 10.23
C PHE A 190 10.67 14.85 11.11
N ALA A 191 9.49 14.98 10.49
CA ALA A 191 8.24 15.07 11.24
C ALA A 191 7.97 13.73 11.91
N LEU A 192 8.14 12.66 11.16
CA LEU A 192 7.90 11.31 11.66
C LEU A 192 8.83 10.95 12.82
N GLN A 193 10.08 11.39 12.74
CA GLN A 193 11.05 11.09 13.79
C GLN A 193 10.58 11.69 15.11
N HIS A 194 9.98 12.87 15.04
CA HIS A 194 9.49 13.52 16.26
C HIS A 194 8.25 12.81 16.81
N VAL A 195 7.32 12.45 15.94
CA VAL A 195 6.11 11.75 16.34
C VAL A 195 6.46 10.44 17.05
N ILE A 196 7.44 9.73 16.50
CA ILE A 196 7.88 8.46 17.06
C ILE A 196 8.29 8.59 18.52
N GLN A 197 8.81 9.76 18.88
CA GLN A 197 9.22 9.98 20.26
C GLN A 197 8.03 9.93 21.22
N LYS A 198 6.85 10.33 20.75
CA LYS A 198 5.66 10.31 21.61
C LYS A 198 5.33 8.91 22.08
N ASN A 199 5.51 7.96 21.19
CA ASN A 199 5.23 6.57 21.46
C ASN A 199 6.56 5.87 21.72
N HIS A 200 6.82 4.80 20.98
CA HIS A 200 8.04 4.01 21.10
C HIS A 200 9.21 4.66 21.85
N LEU A 201 9.25 4.50 23.17
CA LEU A 201 10.34 5.06 23.97
C LEU A 201 11.50 4.12 23.64
N ASP A 202 12.70 4.67 23.49
CA ASP A 202 13.86 3.86 23.12
C ASP A 202 13.48 3.40 21.71
N ASP A 203 14.19 3.92 20.72
CA ASP A 203 13.83 3.63 19.35
C ASP A 203 14.75 2.82 18.45
N GLU A 204 15.17 3.50 17.38
CA GLU A 204 15.97 2.98 16.28
C GLU A 204 14.83 2.77 15.30
N THR A 205 13.62 3.02 15.81
CA THR A 205 12.38 2.85 15.08
C THR A 205 12.39 3.46 13.68
N LEU A 206 12.70 4.73 13.56
CA LEU A 206 12.72 5.36 12.25
C LEU A 206 13.70 4.61 11.33
N ALA A 207 14.88 4.32 11.86
CA ALA A 207 15.91 3.62 11.08
C ALA A 207 15.39 2.24 10.68
N LYS A 208 14.71 1.56 11.59
CA LYS A 208 14.17 0.23 11.30
C LYS A 208 13.09 0.31 10.23
N LEU A 209 12.32 1.39 10.25
CA LEU A 209 11.26 1.57 9.26
C LEU A 209 11.91 1.82 7.90
N ILE A 210 12.82 2.77 7.86
CA ILE A 210 13.51 3.10 6.62
C ILE A 210 14.19 1.87 6.02
N ALA A 211 14.72 1.01 6.88
CA ALA A 211 15.41 -0.20 6.43
C ALA A 211 14.46 -1.21 5.78
N LYS A 212 13.17 -1.03 5.94
CA LYS A 212 12.21 -1.94 5.36
C LYS A 212 11.82 -1.53 3.94
N ILE A 213 12.17 -0.31 3.55
CA ILE A 213 11.83 0.18 2.22
C ILE A 213 12.15 -0.83 1.11
N PRO A 214 13.41 -1.30 1.04
CA PRO A 214 13.76 -2.28 -0.01
C PRO A 214 12.91 -3.53 0.03
N THR A 215 12.44 -3.92 1.21
CA THR A 215 11.62 -5.10 1.34
C THR A 215 10.24 -4.86 0.71
N ILE A 216 9.68 -3.68 0.98
CA ILE A 216 8.39 -3.32 0.45
C ILE A 216 8.43 -3.38 -1.08
N THR A 217 9.52 -2.87 -1.64
CA THR A 217 9.72 -2.87 -3.09
C THR A 217 9.89 -4.27 -3.68
N ALA A 218 10.57 -5.16 -2.95
CA ALA A 218 10.78 -6.54 -3.41
C ALA A 218 9.46 -7.29 -3.50
N VAL A 219 8.58 -7.07 -2.51
CA VAL A 219 7.29 -7.73 -2.54
C VAL A 219 6.49 -7.28 -3.76
N CYS A 220 6.50 -5.97 -4.03
CA CYS A 220 5.77 -5.44 -5.17
C CYS A 220 6.35 -5.86 -6.52
N ASN A 221 7.67 -5.99 -6.62
CA ASN A 221 8.25 -6.41 -7.89
C ASN A 221 7.85 -7.86 -8.11
N LEU A 222 7.83 -8.63 -7.02
CA LEU A 222 7.45 -10.03 -7.12
C LEU A 222 6.01 -10.11 -7.65
N HIS A 223 5.17 -9.17 -7.21
CA HIS A 223 3.78 -9.11 -7.68
C HIS A 223 3.80 -8.91 -9.19
N GLY A 224 4.57 -7.93 -9.63
CA GLY A 224 4.65 -7.66 -11.06
C GLY A 224 5.09 -8.89 -11.83
N GLU A 225 6.06 -9.62 -11.29
CA GLU A 225 6.57 -10.82 -11.92
C GLU A 225 5.51 -11.91 -12.03
N LYS A 226 4.83 -12.20 -10.92
CA LYS A 226 3.79 -13.22 -10.92
C LYS A 226 2.71 -12.85 -11.92
N LEU A 227 2.44 -11.55 -12.04
CA LEU A 227 1.42 -11.06 -12.95
C LEU A 227 1.85 -11.29 -14.40
N GLN A 228 3.10 -10.99 -14.70
CA GLN A 228 3.61 -11.16 -16.06
C GLN A 228 3.42 -12.59 -16.56
N VAL A 229 3.67 -13.55 -15.68
CA VAL A 229 3.50 -14.96 -16.05
C VAL A 229 2.01 -15.26 -16.24
N PHE A 230 1.18 -14.71 -15.36
CA PHE A 230 -0.26 -14.93 -15.48
C PHE A 230 -0.73 -14.41 -16.83
N LYS A 231 -0.17 -13.29 -17.25
CA LYS A 231 -0.54 -12.69 -18.53
C LYS A 231 -0.21 -13.66 -19.67
N GLN A 232 0.87 -14.42 -19.50
CA GLN A 232 1.26 -15.41 -20.51
C GLN A 232 0.18 -16.47 -20.64
N SER A 233 -0.14 -17.10 -19.50
CA SER A 233 -1.14 -18.15 -19.45
C SER A 233 -2.57 -17.71 -19.77
N HIS A 234 -2.96 -16.54 -19.28
CA HIS A 234 -4.32 -16.05 -19.52
C HIS A 234 -4.35 -14.59 -19.99
N PRO A 235 -3.85 -14.33 -21.21
CA PRO A 235 -3.81 -12.97 -21.77
C PRO A 235 -5.18 -12.28 -21.82
N ASP A 236 -6.19 -12.99 -22.32
CA ASP A 236 -7.53 -12.44 -22.45
C ASP A 236 -8.11 -11.96 -21.12
N ILE A 237 -8.01 -12.77 -20.07
CA ILE A 237 -8.53 -12.41 -18.75
C ILE A 237 -7.96 -11.07 -18.28
N VAL A 238 -6.68 -10.84 -18.59
CA VAL A 238 -5.99 -9.61 -18.21
C VAL A 238 -6.47 -8.38 -18.96
N ASN A 239 -6.53 -8.49 -20.29
CA ASN A 239 -6.94 -7.38 -21.12
C ASN A 239 -8.44 -7.11 -21.14
N THR A 240 -9.24 -8.10 -20.76
CA THR A 240 -10.69 -7.91 -20.81
C THR A 240 -11.43 -8.02 -19.49
N LEU A 241 -10.80 -8.62 -18.47
CA LEU A 241 -11.48 -8.77 -17.20
C LEU A 241 -10.91 -7.93 -16.06
N PHE A 242 -9.59 -7.83 -15.97
CA PHE A 242 -8.96 -7.04 -14.91
C PHE A 242 -9.35 -5.57 -15.01
N PRO A 243 -9.34 -4.85 -13.89
CA PRO A 243 -9.70 -3.42 -13.88
C PRO A 243 -8.75 -2.65 -14.79
N PRO A 244 -9.29 -1.77 -15.63
CA PRO A 244 -8.45 -0.98 -16.54
C PRO A 244 -7.23 -0.34 -15.86
N LEU A 245 -7.42 0.27 -14.69
CA LEU A 245 -6.31 0.91 -13.98
C LEU A 245 -5.22 -0.10 -13.60
N TYR A 246 -5.64 -1.31 -13.24
CA TYR A 246 -4.70 -2.35 -12.85
C TYR A 246 -3.84 -2.72 -14.05
N LYS A 247 -4.46 -2.83 -15.22
CA LYS A 247 -3.73 -3.16 -16.43
C LYS A 247 -2.74 -2.04 -16.74
N GLU A 248 -3.21 -0.79 -16.64
CA GLU A 248 -2.39 0.38 -16.92
C GLU A 248 -1.16 0.51 -16.04
N LEU A 249 -1.31 0.19 -14.75
CA LEU A 249 -0.21 0.31 -13.81
C LEU A 249 0.81 -0.82 -13.85
N PHE A 250 0.36 -2.03 -14.11
CA PHE A 250 1.24 -3.18 -14.11
C PHE A 250 1.48 -3.88 -15.47
N ASN A 251 1.15 -3.19 -16.55
CA ASN A 251 1.35 -3.72 -17.90
C ASN A 251 1.90 -2.65 -18.83
N HIS B 2 -0.66 7.22 -19.56
CA HIS B 2 -1.47 6.74 -18.44
C HIS B 2 -2.77 7.54 -18.36
N LYS B 3 -3.67 7.25 -19.29
CA LYS B 3 -4.95 7.95 -19.37
C LYS B 3 -5.74 7.87 -18.08
N ILE B 4 -5.92 6.67 -17.55
CA ILE B 4 -6.71 6.49 -16.33
C ILE B 4 -6.14 7.19 -15.10
N LEU B 5 -4.88 6.93 -14.79
CA LEU B 5 -4.25 7.54 -13.62
C LEU B 5 -4.35 9.06 -13.76
N HIS B 6 -4.17 9.53 -14.99
CA HIS B 6 -4.21 10.95 -15.29
C HIS B 6 -5.60 11.50 -14.97
N ARG B 7 -6.62 10.75 -15.35
CA ARG B 7 -7.99 11.18 -15.10
C ARG B 7 -8.28 11.25 -13.61
N LEU B 8 -7.85 10.23 -12.88
CA LEU B 8 -8.10 10.18 -11.44
C LEU B 8 -7.44 11.35 -10.70
N LEU B 9 -6.23 11.69 -11.10
CA LEU B 9 -5.51 12.81 -10.48
C LEU B 9 -6.23 14.13 -10.62
N GLN B 10 -7.00 14.27 -11.69
CA GLN B 10 -7.71 15.52 -11.94
C GLN B 10 -9.20 15.48 -11.60
N GLU B 11 -9.68 14.32 -11.18
CA GLU B 11 -11.09 14.17 -10.82
C GLU B 11 -11.38 15.04 -9.59
#